data_5TBT
#
_entry.id   5TBT
#
_cell.length_a   100.153
_cell.length_b   100.153
_cell.length_c   100.153
_cell.angle_alpha   90.000
_cell.angle_beta   90.000
_cell.angle_gamma   90.000
#
_symmetry.space_group_name_H-M   'P 21 3'
#
loop_
_entity.id
_entity.type
_entity.pdbx_description
1 polymer 'Purine nucleoside phosphorylase'
2 non-polymer 4-AMINO-1-BETA-D-RIBOFURANOSYL-2(1H)-PYRIMIDINONE
3 non-polymer 'SULFATE ION'
4 water water
#
_entity_poly.entity_id   1
_entity_poly.type   'polypeptide(L)'
_entity_poly.pdbx_seq_one_letter_code
;MTTPVVANYENASMAADYIKRVSNVLPDIGIICGSGLGKLIEEIEERKVIPYINIPNFPKTTVAGHVGNLVLGSVGGRKI
VAMQGRLHMYEGYSNQEIALPIRVMKLLGVRVLLITNLAGGINRKLKSGDFVLIKGHINFPGLGLNNVLVGPNQDEFGPR
FPDLSNAYDRLLQQLALKIAQENDFQDLVHEGVYAFNGGPTYESPDESNMLLKLGCDVVGMSTVPEVIIACHCGIKVLAV
SLIANNSILDAENDVSINHEKVLAVAEKRADLLQMWFKEIITRLPLD
;
_entity_poly.pdbx_strand_id   A
#
loop_
_chem_comp.id
_chem_comp.type
_chem_comp.name
_chem_comp.formula
CTN non-polymer 4-AMINO-1-BETA-D-RIBOFURANOSYL-2(1H)-PYRIMIDINONE 'C9 H13 N3 O5'
SO4 non-polymer 'SULFATE ION' 'O4 S -2'
#
# COMPACT_ATOMS: atom_id res chain seq x y z
N VAL A 5 -14.99 -7.44 15.19
CA VAL A 5 -15.45 -8.29 14.09
C VAL A 5 -14.27 -9.02 13.46
N VAL A 6 -14.37 -10.34 13.40
CA VAL A 6 -13.30 -11.19 12.88
C VAL A 6 -13.33 -11.17 11.37
N ALA A 7 -12.15 -11.17 10.75
CA ALA A 7 -12.01 -11.18 9.30
C ALA A 7 -12.05 -12.61 8.76
N ASN A 8 -13.20 -13.25 8.94
CA ASN A 8 -13.37 -14.64 8.54
C ASN A 8 -14.14 -14.72 7.22
N TYR A 9 -14.31 -15.97 6.75
CA TYR A 9 -14.95 -16.24 5.47
C TYR A 9 -16.38 -15.70 5.43
N GLU A 10 -17.13 -15.92 6.51
CA GLU A 10 -18.53 -15.50 6.54
C GLU A 10 -18.66 -13.98 6.51
N ASN A 11 -17.94 -13.28 7.40
CA ASN A 11 -18.06 -11.83 7.48
C ASN A 11 -17.58 -11.16 6.20
N ALA A 12 -16.51 -11.67 5.58
CA ALA A 12 -16.02 -11.08 4.35
C ALA A 12 -16.98 -11.33 3.20
N SER A 13 -17.66 -12.48 3.18
CA SER A 13 -18.65 -12.74 2.14
C SER A 13 -19.84 -11.80 2.27
N MET A 14 -20.18 -11.41 3.49
CA MET A 14 -21.32 -10.51 3.71
C MET A 14 -21.02 -9.10 3.20
N ALA A 15 -19.77 -8.66 3.30
CA ALA A 15 -19.40 -7.36 2.75
C ALA A 15 -19.37 -7.41 1.21
N ALA A 16 -18.78 -8.46 0.65
CA ALA A 16 -18.75 -8.62 -0.80
C ALA A 16 -20.16 -8.75 -1.37
N ASP A 17 -21.05 -9.44 -0.65
CA ASP A 17 -22.43 -9.58 -1.09
C ASP A 17 -23.08 -8.22 -1.29
N TYR A 18 -22.88 -7.32 -0.32
CA TYR A 18 -23.45 -5.98 -0.41
C TYR A 18 -22.81 -5.17 -1.53
N ILE A 19 -21.50 -5.32 -1.73
CA ILE A 19 -20.79 -4.51 -2.71
C ILE A 19 -21.18 -4.92 -4.13
N LYS A 20 -21.26 -6.23 -4.39
CA LYS A 20 -21.70 -6.71 -5.70
C LYS A 20 -23.08 -6.18 -6.04
N ARG A 21 -23.97 -6.11 -5.04
CA ARG A 21 -25.34 -5.72 -5.26
C ARG A 21 -25.52 -4.22 -5.47
N VAL A 22 -24.49 -3.42 -5.20
CA VAL A 22 -24.58 -1.97 -5.33
C VAL A 22 -23.79 -1.43 -6.52
N SER A 23 -22.65 -2.04 -6.87
CA SER A 23 -21.77 -1.52 -7.91
C SER A 23 -21.95 -2.19 -9.26
N ASN A 24 -22.23 -3.51 -9.28
CA ASN A 24 -22.30 -4.29 -10.52
C ASN A 24 -20.97 -4.30 -11.26
N VAL A 25 -19.87 -4.18 -10.52
CA VAL A 25 -18.52 -4.21 -11.06
C VAL A 25 -17.78 -5.39 -10.47
N LEU A 26 -17.14 -6.17 -11.33
CA LEU A 26 -16.29 -7.28 -10.90
C LEU A 26 -14.83 -6.89 -11.09
N PRO A 27 -14.16 -6.39 -10.05
CA PRO A 27 -12.81 -5.83 -10.25
C PRO A 27 -11.75 -6.91 -10.36
N ASP A 28 -10.75 -6.61 -11.18
CA ASP A 28 -9.57 -7.46 -11.35
C ASP A 28 -8.36 -6.94 -10.58
N ILE A 29 -8.29 -5.64 -10.35
CA ILE A 29 -7.13 -4.99 -9.74
C ILE A 29 -7.61 -4.18 -8.54
N GLY A 30 -6.82 -4.22 -7.46
CA GLY A 30 -7.04 -3.38 -6.30
C GLY A 30 -5.91 -2.39 -6.17
N ILE A 31 -6.21 -1.20 -5.64
CA ILE A 31 -5.21 -0.16 -5.43
C ILE A 31 -5.40 0.48 -4.07
N ILE A 32 -4.28 0.78 -3.42
CA ILE A 32 -4.23 1.53 -2.16
C ILE A 32 -3.17 2.61 -2.33
N CYS A 33 -3.56 3.87 -2.14
CA CYS A 33 -2.72 5.02 -2.49
C CYS A 33 -2.28 5.79 -1.26
N GLY A 34 -1.07 6.32 -1.32
CA GLY A 34 -0.48 7.02 -0.20
C GLY A 34 -1.04 8.42 -0.01
N SER A 35 -0.53 9.08 1.03
CA SER A 35 -1.00 10.42 1.39
CA SER A 35 -1.00 10.41 1.39
C SER A 35 -0.71 11.40 0.27
N GLY A 36 -1.76 12.10 -0.17
CA GLY A 36 -1.64 13.05 -1.26
C GLY A 36 -1.44 12.44 -2.62
N LEU A 37 -1.54 11.12 -2.75
CA LEU A 37 -1.32 10.42 -4.01
C LEU A 37 -2.59 9.78 -4.56
N GLY A 38 -3.76 10.29 -4.17
CA GLY A 38 -5.02 9.67 -4.53
C GLY A 38 -5.74 10.27 -5.72
N LYS A 39 -5.06 11.06 -6.55
CA LYS A 39 -5.76 11.74 -7.65
C LYS A 39 -6.33 10.73 -8.65
N LEU A 40 -5.68 9.58 -8.80
CA LEU A 40 -6.15 8.59 -9.77
C LEU A 40 -7.56 8.09 -9.44
N ILE A 41 -7.89 8.02 -8.15
CA ILE A 41 -9.22 7.58 -7.74
C ILE A 41 -10.30 8.53 -8.24
N GLU A 42 -9.96 9.80 -8.47
CA GLU A 42 -10.92 10.76 -9.00
C GLU A 42 -11.15 10.61 -10.50
N GLU A 43 -10.29 9.89 -11.21
CA GLU A 43 -10.44 9.69 -12.65
C GLU A 43 -11.00 8.32 -13.00
N ILE A 44 -11.40 7.54 -11.99
CA ILE A 44 -12.03 6.25 -12.25
C ILE A 44 -13.32 6.48 -13.03
N GLU A 45 -13.43 5.83 -14.19
CA GLU A 45 -14.56 6.02 -15.08
C GLU A 45 -15.72 5.11 -14.70
N GLU A 46 -16.94 5.62 -14.91
CA GLU A 46 -18.17 4.91 -14.55
C GLU A 46 -18.13 4.46 -13.10
N ARG A 47 -17.77 5.39 -12.23
CA ARG A 47 -17.38 5.09 -10.86
C ARG A 47 -18.58 4.99 -9.93
N LYS A 48 -18.43 4.15 -8.90
CA LYS A 48 -19.41 4.03 -7.82
C LYS A 48 -18.67 4.19 -6.50
N VAL A 49 -19.07 5.19 -5.71
CA VAL A 49 -18.45 5.47 -4.42
C VAL A 49 -19.30 4.82 -3.34
N ILE A 50 -18.70 3.95 -2.54
CA ILE A 50 -19.40 3.25 -1.48
C ILE A 50 -18.74 3.57 -0.15
N PRO A 51 -19.38 4.36 0.72
CA PRO A 51 -18.77 4.68 2.02
C PRO A 51 -18.56 3.42 2.87
N TYR A 52 -17.41 3.37 3.53
CA TYR A 52 -17.11 2.26 4.43
C TYR A 52 -18.24 2.02 5.42
N ILE A 53 -18.84 3.09 5.93
CA ILE A 53 -19.85 3.00 6.98
C ILE A 53 -21.11 2.30 6.50
N ASN A 54 -21.30 2.19 5.18
CA ASN A 54 -22.46 1.52 4.63
C ASN A 54 -22.23 0.04 4.34
N ILE A 55 -20.98 -0.43 4.39
CA ILE A 55 -20.65 -1.80 4.03
C ILE A 55 -20.68 -2.65 5.30
N PRO A 56 -21.46 -3.73 5.33
CA PRO A 56 -21.48 -4.59 6.53
C PRO A 56 -20.11 -5.12 6.87
N ASN A 57 -19.78 -5.04 8.17
CA ASN A 57 -18.57 -5.57 8.80
C ASN A 57 -17.32 -4.75 8.50
N PHE A 58 -17.41 -3.64 7.79
CA PHE A 58 -16.24 -2.81 7.56
C PHE A 58 -15.89 -2.05 8.84
N PRO A 59 -14.61 -1.81 9.08
CA PRO A 59 -14.19 -1.23 10.37
C PRO A 59 -14.69 0.20 10.55
N LYS A 60 -14.93 0.56 11.81
CA LYS A 60 -15.39 1.89 12.17
C LYS A 60 -14.21 2.87 12.14
N THR A 61 -14.38 3.99 11.44
CA THR A 61 -13.33 4.98 11.30
C THR A 61 -13.78 6.37 11.74
N THR A 62 -14.82 6.47 12.57
CA THR A 62 -15.31 7.78 12.98
C THR A 62 -14.45 8.44 14.05
N VAL A 63 -13.67 7.65 14.79
CA VAL A 63 -12.77 8.24 15.79
C VAL A 63 -11.64 9.00 15.09
N ALA A 64 -11.01 8.37 14.09
CA ALA A 64 -9.98 9.05 13.31
C ALA A 64 -10.59 10.11 12.40
N GLY A 65 -11.81 9.89 11.92
CA GLY A 65 -12.43 10.82 11.01
C GLY A 65 -11.90 10.70 9.59
N HIS A 66 -12.17 11.75 8.81
CA HIS A 66 -11.68 11.88 7.43
C HIS A 66 -12.26 10.82 6.51
N VAL A 67 -11.82 10.81 5.24
CA VAL A 67 -12.52 10.09 4.20
C VAL A 67 -12.35 8.58 4.38
N GLY A 68 -13.36 7.83 3.94
CA GLY A 68 -13.33 6.38 3.99
C GLY A 68 -14.31 5.75 3.00
N ASN A 69 -13.90 5.58 1.76
CA ASN A 69 -14.78 5.08 0.71
C ASN A 69 -14.13 3.93 -0.04
N LEU A 70 -14.97 3.06 -0.60
CA LEU A 70 -14.57 2.06 -1.58
C LEU A 70 -15.10 2.52 -2.94
N VAL A 71 -14.21 2.65 -3.92
CA VAL A 71 -14.53 3.19 -5.23
C VAL A 71 -14.26 2.13 -6.28
N LEU A 72 -15.26 1.86 -7.12
CA LEU A 72 -15.15 0.88 -8.19
C LEU A 72 -15.44 1.52 -9.53
N GLY A 73 -14.83 0.98 -10.58
CA GLY A 73 -15.00 1.50 -11.92
C GLY A 73 -13.87 1.03 -12.81
N SER A 74 -13.67 1.76 -13.90
CA SER A 74 -12.74 1.38 -14.96
C SER A 74 -11.56 2.34 -15.05
N VAL A 75 -10.37 1.79 -15.24
CA VAL A 75 -9.16 2.55 -15.56
C VAL A 75 -8.44 1.80 -16.68
N GLY A 76 -8.14 2.50 -17.77
CA GLY A 76 -7.38 1.92 -18.87
C GLY A 76 -8.02 0.69 -19.48
N GLY A 77 -9.35 0.60 -19.46
CA GLY A 77 -10.05 -0.58 -19.93
C GLY A 77 -10.14 -1.70 -18.92
N ARG A 78 -9.51 -1.57 -17.75
CA ARG A 78 -9.51 -2.59 -16.72
C ARG A 78 -10.47 -2.20 -15.61
N LYS A 79 -11.03 -3.21 -14.95
CA LYS A 79 -11.94 -3.00 -13.82
C LYS A 79 -11.14 -3.05 -12.52
N ILE A 80 -11.32 -2.03 -11.67
CA ILE A 80 -10.53 -1.89 -10.46
C ILE A 80 -11.42 -1.51 -9.28
N VAL A 81 -10.88 -1.71 -8.08
CA VAL A 81 -11.50 -1.30 -6.82
C VAL A 81 -10.43 -0.60 -5.99
N ALA A 82 -10.81 0.51 -5.35
CA ALA A 82 -9.86 1.37 -4.66
C ALA A 82 -10.33 1.65 -3.24
N MET A 83 -9.39 1.62 -2.30
CA MET A 83 -9.63 2.10 -0.94
C MET A 83 -9.25 3.57 -0.88
N GLN A 84 -10.23 4.42 -0.61
CA GLN A 84 -10.03 5.87 -0.51
C GLN A 84 -10.04 6.24 0.96
N GLY A 85 -8.88 6.54 1.51
CA GLY A 85 -8.73 6.69 2.95
C GLY A 85 -8.14 5.44 3.54
N ARG A 86 -6.86 5.49 3.87
CA ARG A 86 -6.10 4.31 4.26
C ARG A 86 -6.25 4.01 5.74
N LEU A 87 -6.19 2.72 6.07
CA LEU A 87 -6.22 2.25 7.45
C LEU A 87 -4.78 1.94 7.87
N HIS A 88 -4.26 2.75 8.79
CA HIS A 88 -2.91 2.57 9.31
C HIS A 88 -2.97 2.01 10.73
N MET A 89 -2.03 1.15 11.06
CA MET A 89 -2.07 0.46 12.35
C MET A 89 -1.63 1.35 13.51
N TYR A 90 -0.94 2.46 13.23
CA TYR A 90 -0.63 3.40 14.30
C TYR A 90 -1.88 4.12 14.78
N GLU A 91 -2.96 4.10 14.01
CA GLU A 91 -4.23 4.64 14.48
C GLU A 91 -4.87 3.76 15.54
N GLY A 92 -4.46 2.50 15.65
CA GLY A 92 -5.02 1.58 16.62
C GLY A 92 -5.92 0.52 16.02
N TYR A 93 -6.04 0.46 14.70
CA TYR A 93 -6.84 -0.60 14.07
C TYR A 93 -6.23 -1.96 14.36
N SER A 94 -7.09 -2.94 14.56
CA SER A 94 -6.62 -4.26 14.96
C SER A 94 -6.20 -5.08 13.75
N ASN A 95 -5.66 -6.27 14.02
CA ASN A 95 -5.30 -7.19 12.94
C ASN A 95 -6.51 -7.54 12.09
N GLN A 96 -7.67 -7.73 12.73
CA GLN A 96 -8.86 -8.12 11.99
C GLN A 96 -9.38 -6.97 11.13
N GLU A 97 -9.26 -5.73 11.61
CA GLU A 97 -9.77 -4.59 10.86
C GLU A 97 -8.94 -4.32 9.62
N ILE A 98 -7.62 -4.56 9.68
CA ILE A 98 -6.77 -4.39 8.51
C ILE A 98 -7.08 -5.48 7.48
N ALA A 99 -7.31 -6.71 7.94
CA ALA A 99 -7.35 -7.85 7.03
C ALA A 99 -8.65 -7.90 6.24
N LEU A 100 -9.77 -7.50 6.84
CA LEU A 100 -11.07 -7.69 6.19
C LEU A 100 -11.19 -7.02 4.82
N PRO A 101 -10.79 -5.76 4.62
CA PRO A 101 -10.94 -5.17 3.29
C PRO A 101 -10.15 -5.89 2.21
N ILE A 102 -8.97 -6.39 2.52
CA ILE A 102 -8.17 -7.10 1.52
C ILE A 102 -8.82 -8.44 1.17
N ARG A 103 -9.34 -9.14 2.18
CA ARG A 103 -10.00 -10.42 1.91
C ARG A 103 -11.32 -10.22 1.17
N VAL A 104 -11.97 -9.06 1.36
CA VAL A 104 -13.14 -8.73 0.57
C VAL A 104 -12.75 -8.51 -0.89
N MET A 105 -11.62 -7.81 -1.10
CA MET A 105 -11.07 -7.70 -2.45
C MET A 105 -10.88 -9.08 -3.08
N LYS A 106 -10.39 -10.04 -2.29
CA LYS A 106 -10.18 -11.39 -2.80
C LYS A 106 -11.49 -12.02 -3.25
N LEU A 107 -12.53 -11.94 -2.42
CA LEU A 107 -13.80 -12.55 -2.75
C LEU A 107 -14.49 -11.87 -3.92
N LEU A 108 -14.16 -10.60 -4.20
CA LEU A 108 -14.67 -9.92 -5.37
C LEU A 108 -13.95 -10.32 -6.65
N GLY A 109 -12.79 -10.94 -6.55
CA GLY A 109 -12.05 -11.41 -7.70
C GLY A 109 -10.75 -10.68 -7.99
N VAL A 110 -10.21 -9.92 -7.04
CA VAL A 110 -8.97 -9.19 -7.26
C VAL A 110 -7.80 -10.16 -7.35
N ARG A 111 -6.94 -9.97 -8.35
CA ARG A 111 -5.76 -10.78 -8.51
C ARG A 111 -4.45 -10.02 -8.39
N VAL A 112 -4.48 -8.69 -8.48
CA VAL A 112 -3.29 -7.85 -8.37
C VAL A 112 -3.63 -6.64 -7.52
N LEU A 113 -2.76 -6.32 -6.55
CA LEU A 113 -2.92 -5.17 -5.66
C LEU A 113 -1.73 -4.24 -5.84
N LEU A 114 -2.00 -2.99 -6.16
CA LEU A 114 -0.97 -1.98 -6.36
C LEU A 114 -1.01 -0.98 -5.21
N ILE A 115 0.16 -0.62 -4.68
CA ILE A 115 0.27 0.16 -3.45
C ILE A 115 1.33 1.25 -3.64
N THR A 116 1.01 2.46 -3.17
CA THR A 116 1.98 3.55 -3.04
C THR A 116 2.01 4.06 -1.61
N ASN A 117 3.16 4.56 -1.20
CA ASN A 117 3.30 5.15 0.13
C ASN A 117 4.36 6.25 0.09
N LEU A 118 4.38 7.05 1.14
CA LEU A 118 5.44 8.01 1.40
C LEU A 118 6.38 7.42 2.45
N ALA A 119 7.68 7.65 2.28
CA ALA A 119 8.64 7.00 3.17
C ALA A 119 9.91 7.83 3.27
N GLY A 120 10.70 7.51 4.28
CA GLY A 120 11.99 8.15 4.48
C GLY A 120 13.11 7.34 3.86
N GLY A 121 14.09 8.05 3.30
CA GLY A 121 15.20 7.40 2.62
C GLY A 121 16.35 7.12 3.58
N ILE A 122 16.89 5.91 3.50
CA ILE A 122 18.06 5.52 4.27
C ILE A 122 19.28 5.39 3.37
N ASN A 123 19.15 4.68 2.25
CA ASN A 123 20.24 4.51 1.30
C ASN A 123 20.76 5.87 0.86
N ARG A 124 22.09 5.98 0.76
CA ARG A 124 22.72 7.25 0.41
C ARG A 124 22.39 7.70 -1.01
N LYS A 125 21.94 6.79 -1.88
CA LYS A 125 21.60 7.14 -3.24
C LYS A 125 20.24 7.81 -3.38
N LEU A 126 19.43 7.79 -2.34
CA LEU A 126 18.04 8.24 -2.43
C LEU A 126 17.94 9.73 -2.14
N LYS A 127 17.28 10.46 -3.03
CA LYS A 127 16.99 11.87 -2.85
C LYS A 127 15.49 12.09 -2.75
N SER A 128 15.12 13.24 -2.18
CA SER A 128 13.72 13.63 -2.13
C SER A 128 13.12 13.60 -3.53
N GLY A 129 11.92 13.04 -3.64
CA GLY A 129 11.24 12.93 -4.91
C GLY A 129 11.54 11.68 -5.71
N ASP A 130 12.45 10.83 -5.24
CA ASP A 130 12.74 9.58 -5.93
C ASP A 130 11.64 8.54 -5.65
N PHE A 131 11.62 7.51 -6.47
CA PHE A 131 10.74 6.36 -6.28
C PHE A 131 11.57 5.12 -5.98
N VAL A 132 11.04 4.24 -5.16
CA VAL A 132 11.70 2.99 -4.80
C VAL A 132 10.72 1.85 -5.02
N LEU A 133 11.01 0.98 -5.98
CA LEU A 133 10.27 -0.26 -6.13
C LEU A 133 10.70 -1.23 -5.03
N ILE A 134 9.74 -1.67 -4.21
CA ILE A 134 10.05 -2.48 -3.03
C ILE A 134 10.18 -3.94 -3.45
N LYS A 135 11.33 -4.55 -3.11
CA LYS A 135 11.60 -5.94 -3.43
C LYS A 135 11.71 -6.83 -2.20
N GLY A 136 11.49 -6.29 -1.01
CA GLY A 136 11.56 -7.06 0.21
C GLY A 136 11.31 -6.14 1.38
N HIS A 137 11.18 -6.72 2.57
CA HIS A 137 10.92 -5.87 3.72
C HIS A 137 11.56 -6.44 4.97
N ILE A 138 11.65 -5.57 5.98
CA ILE A 138 12.07 -5.93 7.33
C ILE A 138 10.92 -5.52 8.25
N ASN A 139 10.25 -6.52 8.84
CA ASN A 139 8.97 -6.33 9.51
C ASN A 139 9.20 -6.35 11.01
N PHE A 140 9.60 -5.19 11.55
CA PHE A 140 9.88 -5.10 12.98
C PHE A 140 8.67 -5.41 13.85
N PRO A 141 7.45 -4.97 13.55
CA PRO A 141 6.30 -5.47 14.33
C PRO A 141 6.12 -6.97 14.22
N GLY A 142 6.34 -7.54 13.04
CA GLY A 142 6.17 -8.98 12.89
C GLY A 142 7.14 -9.79 13.73
N LEU A 143 8.40 -9.33 13.80
CA LEU A 143 9.37 -9.97 14.68
C LEU A 143 9.00 -9.82 16.14
N GLY A 144 8.29 -8.74 16.49
CA GLY A 144 8.01 -8.43 17.89
C GLY A 144 6.64 -8.85 18.37
N LEU A 145 6.04 -9.86 17.72
CA LEU A 145 4.75 -10.45 18.06
C LEU A 145 3.56 -9.55 17.74
N ASN A 146 3.73 -8.59 16.82
CA ASN A 146 2.61 -7.77 16.34
C ASN A 146 2.38 -7.97 14.85
N ASN A 147 2.70 -9.16 14.34
CA ASN A 147 2.41 -9.47 12.95
C ASN A 147 0.91 -9.36 12.69
N VAL A 148 0.55 -8.92 11.49
CA VAL A 148 -0.85 -8.70 11.17
C VAL A 148 -1.64 -10.01 11.17
N LEU A 149 -0.95 -11.14 11.09
CA LEU A 149 -1.60 -12.45 11.08
C LEU A 149 -1.66 -13.12 12.44
N VAL A 150 -1.23 -12.44 13.50
CA VAL A 150 -1.29 -13.02 14.83
C VAL A 150 -2.76 -13.25 15.21
N GLY A 151 -3.05 -14.47 15.63
CA GLY A 151 -4.41 -14.88 15.92
C GLY A 151 -4.72 -16.20 15.24
N PRO A 152 -5.95 -16.66 15.37
CA PRO A 152 -6.35 -17.88 14.66
C PRO A 152 -6.26 -17.69 13.16
N ASN A 153 -5.92 -18.76 12.45
CA ASN A 153 -5.82 -18.68 11.01
C ASN A 153 -7.19 -18.92 10.38
N GLN A 154 -7.48 -18.18 9.32
CA GLN A 154 -8.71 -18.34 8.56
C GLN A 154 -8.36 -19.20 7.34
N ASP A 155 -8.61 -20.50 7.46
CA ASP A 155 -8.11 -21.47 6.48
C ASP A 155 -8.67 -21.25 5.09
N GLU A 156 -9.84 -20.63 4.96
CA GLU A 156 -10.44 -20.46 3.64
C GLU A 156 -9.65 -19.46 2.80
N PHE A 157 -8.78 -18.66 3.41
CA PHE A 157 -8.02 -17.66 2.67
C PHE A 157 -6.57 -18.04 2.44
N GLY A 158 -5.94 -18.74 3.38
CA GLY A 158 -4.56 -19.14 3.21
C GLY A 158 -4.04 -20.04 4.31
N PRO A 159 -2.76 -20.36 4.25
CA PRO A 159 -2.16 -21.29 5.21
C PRO A 159 -1.77 -20.61 6.52
N ARG A 160 -1.50 -21.45 7.53
CA ARG A 160 -1.10 -20.95 8.84
C ARG A 160 0.27 -20.27 8.80
N PHE A 161 1.21 -20.82 8.02
CA PHE A 161 2.58 -20.32 7.95
C PHE A 161 2.90 -19.90 6.53
N PRO A 162 2.67 -18.63 6.16
CA PRO A 162 2.99 -18.18 4.81
C PRO A 162 4.47 -17.90 4.61
N ASP A 163 4.94 -18.16 3.41
CA ASP A 163 6.28 -17.81 2.97
C ASP A 163 6.22 -16.51 2.18
N LEU A 164 7.08 -15.56 2.54
CA LEU A 164 7.07 -14.24 1.94
C LEU A 164 8.20 -14.04 0.93
N SER A 165 8.83 -15.13 0.47
CA SER A 165 9.95 -14.99 -0.44
C SER A 165 9.57 -14.29 -1.73
N ASN A 166 8.33 -14.42 -2.16
CA ASN A 166 7.85 -13.88 -3.43
C ASN A 166 6.61 -13.03 -3.23
N ALA A 167 6.58 -12.29 -2.12
CA ALA A 167 5.46 -11.39 -1.87
C ALA A 167 5.43 -10.22 -2.85
N TYR A 168 6.60 -9.83 -3.36
CA TYR A 168 6.72 -8.70 -4.29
C TYR A 168 7.05 -9.26 -5.66
N ASP A 169 6.06 -9.21 -6.56
CA ASP A 169 6.16 -9.89 -7.85
C ASP A 169 7.29 -9.30 -8.70
N ARG A 170 8.19 -10.17 -9.16
CA ARG A 170 9.32 -9.73 -9.97
C ARG A 170 8.87 -9.13 -11.28
N LEU A 171 7.88 -9.73 -11.94
CA LEU A 171 7.46 -9.26 -13.26
C LEU A 171 6.85 -7.87 -13.17
N LEU A 172 6.11 -7.58 -12.10
CA LEU A 172 5.51 -6.27 -11.93
C LEU A 172 6.58 -5.19 -11.75
N GLN A 173 7.63 -5.48 -10.98
CA GLN A 173 8.74 -4.53 -10.85
C GLN A 173 9.37 -4.26 -12.19
N GLN A 174 9.57 -5.30 -13.00
CA GLN A 174 10.18 -5.13 -14.32
C GLN A 174 9.28 -4.31 -15.24
N LEU A 175 7.97 -4.51 -15.14
CA LEU A 175 7.04 -3.73 -15.96
C LEU A 175 7.04 -2.26 -15.55
N ALA A 176 7.04 -1.99 -14.24
CA ALA A 176 7.06 -0.61 -13.77
C ALA A 176 8.33 0.11 -14.20
N LEU A 177 9.47 -0.56 -14.14
CA LEU A 177 10.72 0.05 -14.59
C LEU A 177 10.70 0.30 -16.09
N LYS A 178 10.10 -0.63 -16.84
CA LYS A 178 10.06 -0.49 -18.30
C LYS A 178 9.30 0.76 -18.72
N ILE A 179 8.17 1.03 -18.06
CA ILE A 179 7.38 2.20 -18.40
C ILE A 179 8.12 3.49 -18.05
N ALA A 180 8.85 3.48 -16.93
CA ALA A 180 9.66 4.64 -16.57
C ALA A 180 10.74 4.91 -17.62
N GLN A 181 11.27 3.86 -18.24
CA GLN A 181 12.27 4.05 -19.29
C GLN A 181 11.64 4.56 -20.57
N GLU A 182 10.40 4.17 -20.86
CA GLU A 182 9.74 4.64 -22.07
C GLU A 182 9.45 6.13 -22.01
N ASN A 183 9.22 6.67 -20.81
CA ASN A 183 8.94 8.09 -20.63
C ASN A 183 10.12 8.86 -20.06
N ASP A 184 11.30 8.22 -19.96
CA ASP A 184 12.56 8.89 -19.61
C ASP A 184 12.51 9.54 -18.23
N PHE A 185 12.02 8.81 -17.24
CA PHE A 185 12.22 9.22 -15.85
C PHE A 185 12.79 8.06 -15.03
N GLN A 186 13.52 7.17 -15.69
CA GLN A 186 14.14 6.05 -14.98
C GLN A 186 15.24 6.50 -14.02
N ASP A 187 15.77 7.72 -14.20
CA ASP A 187 16.78 8.22 -13.27
C ASP A 187 16.20 8.52 -11.89
N LEU A 188 14.89 8.47 -11.73
CA LEU A 188 14.23 8.67 -10.45
C LEU A 188 13.89 7.35 -9.75
N VAL A 189 14.07 6.22 -10.42
CA VAL A 189 13.54 4.94 -9.97
C VAL A 189 14.69 4.09 -9.44
N HIS A 190 14.55 3.64 -8.20
CA HIS A 190 15.44 2.67 -7.56
C HIS A 190 14.63 1.45 -7.14
N GLU A 191 15.34 0.47 -6.58
CA GLU A 191 14.74 -0.66 -5.90
C GLU A 191 15.39 -0.79 -4.52
N GLY A 192 14.69 -1.40 -3.57
CA GLY A 192 15.27 -1.51 -2.25
C GLY A 192 14.38 -2.23 -1.27
N VAL A 193 14.87 -2.29 -0.03
CA VAL A 193 14.23 -3.02 1.06
C VAL A 193 13.54 -2.03 1.98
N TYR A 194 12.30 -2.34 2.35
CA TYR A 194 11.43 -1.45 3.13
C TYR A 194 11.38 -1.92 4.57
N ALA A 195 11.66 -1.01 5.50
CA ALA A 195 11.56 -1.30 6.93
C ALA A 195 10.24 -0.75 7.45
N PHE A 196 9.52 -1.58 8.21
CA PHE A 196 8.21 -1.20 8.73
C PHE A 196 8.40 -0.64 10.14
N ASN A 197 8.30 0.68 10.26
CA ASN A 197 8.29 1.34 11.56
C ASN A 197 6.84 1.55 11.97
N GLY A 198 6.46 1.00 13.14
CA GLY A 198 5.07 1.06 13.57
C GLY A 198 4.50 2.46 13.62
N GLY A 199 5.32 3.43 14.00
CA GLY A 199 4.86 4.81 14.07
C GLY A 199 4.11 5.11 15.35
N PRO A 200 3.53 6.31 15.48
CA PRO A 200 3.46 7.36 14.45
C PRO A 200 4.58 8.39 14.50
N THR A 201 5.54 8.26 15.41
CA THR A 201 6.70 9.14 15.39
C THR A 201 7.61 8.77 14.23
N TYR A 202 8.18 9.78 13.58
CA TYR A 202 9.15 9.51 12.53
C TYR A 202 10.36 8.80 13.11
N GLU A 203 11.08 8.09 12.24
CA GLU A 203 12.29 7.40 12.66
C GLU A 203 13.27 8.40 13.26
N SER A 204 13.76 8.08 14.45
CA SER A 204 14.70 8.96 15.11
C SER A 204 16.04 8.94 14.39
N PRO A 205 16.86 9.99 14.55
CA PRO A 205 18.19 9.98 13.90
C PRO A 205 19.01 8.73 14.19
N ASP A 206 19.02 8.26 15.43
CA ASP A 206 19.80 7.07 15.76
C ASP A 206 19.13 5.80 15.28
N GLU A 207 17.79 5.78 15.23
CA GLU A 207 17.10 4.67 14.60
C GLU A 207 17.42 4.60 13.12
N SER A 208 17.49 5.76 12.46
CA SER A 208 17.89 5.80 11.05
C SER A 208 19.30 5.24 10.86
N ASN A 209 20.22 5.58 11.76
CA ASN A 209 21.59 5.10 11.64
C ASN A 209 21.65 3.58 11.83
N MET A 210 20.84 3.04 12.73
CA MET A 210 20.77 1.60 12.91
C MET A 210 20.26 0.92 11.66
N LEU A 211 19.23 1.49 11.02
CA LEU A 211 18.67 0.88 9.82
C LEU A 211 19.68 0.85 8.68
N LEU A 212 20.55 1.86 8.61
CA LEU A 212 21.60 1.86 7.60
C LEU A 212 22.53 0.66 7.77
N LYS A 213 22.90 0.36 9.02
CA LYS A 213 23.78 -0.76 9.29
C LYS A 213 23.11 -2.11 9.05
N LEU A 214 21.79 -2.16 9.02
CA LEU A 214 21.04 -3.40 8.84
C LEU A 214 20.65 -3.65 7.39
N GLY A 215 21.03 -2.78 6.46
CA GLY A 215 20.70 -3.00 5.07
C GLY A 215 19.29 -2.61 4.69
N CYS A 216 18.71 -1.63 5.36
CA CYS A 216 17.43 -1.07 4.94
C CYS A 216 17.67 0.12 4.02
N ASP A 217 16.90 0.18 2.94
CA ASP A 217 16.98 1.32 2.03
C ASP A 217 15.92 2.38 2.33
N VAL A 218 14.81 1.98 2.92
CA VAL A 218 13.63 2.82 3.06
C VAL A 218 12.91 2.43 4.35
N VAL A 219 12.26 3.40 4.98
CA VAL A 219 11.49 3.15 6.21
C VAL A 219 10.17 3.90 6.16
N GLY A 220 9.09 3.22 6.54
CA GLY A 220 7.77 3.82 6.54
C GLY A 220 6.86 3.11 7.51
N MET A 221 5.62 3.62 7.59
CA MET A 221 4.67 3.23 8.63
C MET A 221 3.49 2.43 8.10
N SER A 222 3.56 1.90 6.88
CA SER A 222 2.38 1.28 6.27
C SER A 222 2.82 0.11 5.41
N THR A 223 1.90 -0.36 4.55
CA THR A 223 2.15 -1.23 3.41
C THR A 223 2.42 -2.68 3.78
N VAL A 224 3.38 -2.92 4.68
CA VAL A 224 3.72 -4.30 5.05
C VAL A 224 2.51 -5.09 5.55
N PRO A 225 1.61 -4.54 6.38
CA PRO A 225 0.42 -5.33 6.76
C PRO A 225 -0.43 -5.75 5.56
N GLU A 226 -0.66 -4.84 4.60
CA GLU A 226 -1.46 -5.19 3.44
C GLU A 226 -0.75 -6.22 2.57
N VAL A 227 0.56 -6.11 2.43
CA VAL A 227 1.32 -7.05 1.61
C VAL A 227 1.18 -8.47 2.14
N ILE A 228 1.20 -8.62 3.47
CA ILE A 228 1.16 -9.95 4.07
C ILE A 228 -0.22 -10.57 3.91
N ILE A 229 -1.28 -9.78 4.10
CA ILE A 229 -2.63 -10.29 3.93
C ILE A 229 -2.88 -10.68 2.48
N ALA A 230 -2.37 -9.90 1.54
CA ALA A 230 -2.52 -10.22 0.13
C ALA A 230 -1.75 -11.49 -0.23
N CYS A 231 -0.51 -11.60 0.22
CA CYS A 231 0.29 -12.79 -0.05
C CYS A 231 -0.34 -14.03 0.59
N HIS A 232 -0.99 -13.86 1.74
CA HIS A 232 -1.66 -14.97 2.42
C HIS A 232 -2.73 -15.59 1.53
N CYS A 233 -3.52 -14.77 0.84
CA CYS A 233 -4.62 -15.26 0.03
C CYS A 233 -4.31 -15.24 -1.47
N GLY A 234 -3.04 -15.16 -1.84
CA GLY A 234 -2.66 -15.38 -3.22
C GLY A 234 -2.88 -14.23 -4.16
N ILE A 235 -2.77 -13.00 -3.67
CA ILE A 235 -2.87 -11.80 -4.51
C ILE A 235 -1.46 -11.27 -4.75
N LYS A 236 -1.15 -10.95 -6.00
CA LYS A 236 0.15 -10.40 -6.35
C LYS A 236 0.22 -8.92 -6.00
N VAL A 237 1.42 -8.45 -5.68
CA VAL A 237 1.61 -7.11 -5.13
C VAL A 237 2.72 -6.38 -5.88
N LEU A 238 2.49 -5.10 -6.17
CA LEU A 238 3.52 -4.14 -6.52
C LEU A 238 3.41 -2.98 -5.53
N ALA A 239 4.54 -2.60 -4.95
CA ALA A 239 4.58 -1.54 -3.94
C ALA A 239 5.69 -0.56 -4.27
N VAL A 240 5.37 0.74 -4.24
CA VAL A 240 6.29 1.80 -4.63
C VAL A 240 6.32 2.85 -3.53
N SER A 241 7.51 3.19 -3.07
CA SER A 241 7.70 4.25 -2.09
C SER A 241 8.13 5.54 -2.78
N LEU A 242 7.52 6.65 -2.40
CA LEU A 242 7.98 7.98 -2.80
C LEU A 242 8.80 8.56 -1.65
N ILE A 243 10.05 8.92 -1.96
CA ILE A 243 10.99 9.35 -0.93
C ILE A 243 10.70 10.79 -0.55
N ALA A 244 10.28 11.01 0.70
CA ALA A 244 10.01 12.37 1.18
C ALA A 244 11.29 13.10 1.55
N ASN A 245 12.30 12.37 2.01
CA ASN A 245 13.53 12.96 2.54
C ASN A 245 14.55 11.84 2.70
N ASN A 246 15.82 12.24 2.86
CA ASN A 246 16.88 11.31 3.23
C ASN A 246 17.18 11.53 4.71
N SER A 247 16.75 10.57 5.54
CA SER A 247 16.88 10.73 6.99
C SER A 247 18.32 10.65 7.46
N ILE A 248 19.21 9.99 6.71
CA ILE A 248 20.61 9.94 7.10
C ILE A 248 21.27 11.29 6.89
N LEU A 249 20.99 11.92 5.74
CA LEU A 249 21.50 13.27 5.49
C LEU A 249 20.94 14.26 6.51
N ASP A 250 19.64 14.16 6.80
CA ASP A 250 19.01 15.09 7.72
C ASP A 250 19.59 14.97 9.13
N ALA A 251 20.04 13.77 9.51
CA ALA A 251 20.67 13.60 10.82
C ALA A 251 22.03 14.29 10.86
N GLU A 252 22.80 14.18 9.78
CA GLU A 252 24.11 14.84 9.73
C GLU A 252 23.99 16.35 9.76
N ASN A 253 22.91 16.90 9.21
CA ASN A 253 22.72 18.34 9.09
C ASN A 253 21.72 18.89 10.08
N ASP A 254 21.18 18.06 10.97
CA ASP A 254 20.20 18.48 11.97
C ASP A 254 19.01 19.19 11.31
N VAL A 255 18.42 18.52 10.32
CA VAL A 255 17.26 19.02 9.60
C VAL A 255 16.05 18.21 10.01
N SER A 256 14.94 18.90 10.29
CA SER A 256 13.75 18.26 10.84
C SER A 256 12.87 17.70 9.74
N ILE A 257 11.93 16.86 10.16
CA ILE A 257 10.91 16.30 9.28
C ILE A 257 9.55 16.72 9.81
N ASN A 258 8.59 16.90 8.91
CA ASN A 258 7.21 17.13 9.32
C ASN A 258 6.28 16.79 8.18
N HIS A 259 5.01 16.54 8.53
CA HIS A 259 4.02 16.09 7.57
C HIS A 259 3.72 17.12 6.49
N GLU A 260 3.93 18.41 6.77
CA GLU A 260 3.74 19.42 5.73
C GLU A 260 4.78 19.28 4.64
N LYS A 261 6.04 19.06 5.01
CA LYS A 261 7.08 18.81 4.01
C LYS A 261 6.78 17.53 3.24
N VAL A 262 6.27 16.50 3.91
CA VAL A 262 5.96 15.24 3.26
C VAL A 262 4.89 15.44 2.19
N LEU A 263 3.82 16.17 2.55
CA LEU A 263 2.74 16.41 1.59
C LEU A 263 3.20 17.26 0.42
N ALA A 264 4.16 18.16 0.64
CA ALA A 264 4.65 18.98 -0.46
C ALA A 264 5.41 18.15 -1.49
N VAL A 265 6.15 17.13 -1.03
CA VAL A 265 6.80 16.21 -1.97
C VAL A 265 5.76 15.40 -2.71
N ALA A 266 4.70 14.98 -2.01
CA ALA A 266 3.62 14.24 -2.67
C ALA A 266 2.98 15.06 -3.78
N GLU A 267 2.82 16.37 -3.56
CA GLU A 267 2.25 17.22 -4.59
C GLU A 267 3.20 17.40 -5.77
N LYS A 268 4.51 17.44 -5.51
CA LYS A 268 5.48 17.61 -6.59
C LYS A 268 5.45 16.45 -7.58
N ARG A 269 5.12 15.24 -7.11
CA ARG A 269 5.19 14.04 -7.93
C ARG A 269 3.84 13.40 -8.19
N ALA A 270 2.73 14.03 -7.76
CA ALA A 270 1.43 13.37 -7.82
C ALA A 270 1.02 13.08 -9.26
N ASP A 271 1.21 14.03 -10.17
CA ASP A 271 0.74 13.85 -11.54
C ASP A 271 1.57 12.83 -12.30
N LEU A 272 2.89 12.81 -12.06
CA LEU A 272 3.75 11.81 -12.70
C LEU A 272 3.37 10.41 -12.23
N LEU A 273 3.16 10.23 -10.92
CA LEU A 273 2.81 8.93 -10.38
C LEU A 273 1.46 8.46 -10.89
N GLN A 274 0.50 9.38 -11.02
CA GLN A 274 -0.80 9.03 -11.57
C GLN A 274 -0.67 8.53 -13.00
N MET A 275 0.10 9.25 -13.83
CA MET A 275 0.37 8.80 -15.19
C MET A 275 1.06 7.45 -15.19
N TRP A 276 1.97 7.24 -14.26
CA TRP A 276 2.76 6.01 -14.21
C TRP A 276 1.87 4.80 -13.91
N PHE A 277 1.04 4.90 -12.87
CA PHE A 277 0.21 3.77 -12.45
C PHE A 277 -0.94 3.53 -13.44
N LYS A 278 -1.38 4.57 -14.15
CA LYS A 278 -2.42 4.36 -15.16
C LYS A 278 -1.89 3.49 -16.29
N GLU A 279 -0.63 3.69 -16.69
CA GLU A 279 -0.04 2.86 -17.72
C GLU A 279 0.22 1.44 -17.21
N ILE A 280 0.63 1.31 -15.94
CA ILE A 280 0.85 0.00 -15.36
C ILE A 280 -0.45 -0.81 -15.38
N ILE A 281 -1.54 -0.20 -14.91
CA ILE A 281 -2.84 -0.87 -14.93
C ILE A 281 -3.21 -1.31 -16.34
N THR A 282 -2.95 -0.46 -17.32
CA THR A 282 -3.35 -0.75 -18.69
C THR A 282 -2.57 -1.93 -19.27
N ARG A 283 -1.28 -2.03 -18.93
CA ARG A 283 -0.40 -3.05 -19.50
C ARG A 283 -0.32 -4.31 -18.66
N LEU A 284 -1.01 -4.37 -17.52
CA LEU A 284 -0.82 -5.45 -16.58
C LEU A 284 -1.22 -6.79 -17.18
N PRO A 285 -0.37 -7.81 -17.09
CA PRO A 285 -0.83 -9.19 -17.30
C PRO A 285 -1.49 -9.71 -16.03
N LEU A 286 -2.77 -10.01 -16.13
CA LEU A 286 -3.58 -10.38 -14.98
C LEU A 286 -3.35 -11.85 -14.64
N ASP A 287 -3.06 -12.11 -13.37
CA ASP A 287 -2.84 -13.48 -12.90
C ASP A 287 -3.35 -13.63 -11.46
O5' CTN B . 4.26 11.88 6.95
C5' CTN B . 3.42 10.91 7.49
C4' CTN B . 2.68 10.14 6.40
O4' CTN B . 3.57 9.72 5.38
C1' CTN B . 4.11 8.45 5.68
N1 CTN B . 5.51 8.54 6.12
C6 CTN B . 6.21 9.61 5.86
C5 CTN B . 7.51 9.72 6.24
C4 CTN B . 8.11 8.70 6.92
N3 CTN B . 7.42 7.59 7.16
C2 CTN B . 6.12 7.48 6.76
O2 CTN B . 5.47 6.46 6.99
N4 CTN B . 9.38 8.85 7.27
C2' CTN B . 3.22 7.91 6.77
O2' CTN B . 2.82 6.60 6.42
C3' CTN B . 2.11 8.87 6.97
O3' CTN B . 0.93 8.52 6.27
S SO4 C . 1.47 6.98 3.18
O1 SO4 C . 2.07 7.49 2.03
O2 SO4 C . 2.03 5.71 3.47
O3 SO4 C . 1.74 7.87 4.29
O4 SO4 C . 0.04 6.88 3.15
#